data_6TTP
#
_entry.id   6TTP
#
_cell.length_a   64.250
_cell.length_b   64.250
_cell.length_c   226.320
_cell.angle_alpha   90.000
_cell.angle_beta   90.000
_cell.angle_gamma   120.000
#
_symmetry.space_group_name_H-M   'P 32 2 1'
#
loop_
_entity.id
_entity.type
_entity.pdbx_description
1 polymer 'N6-adenosine-methyltransferase catalytic subunit'
2 polymer 'N6-adenosine-methyltransferase non-catalytic subunit'
3 non-polymer ADENOSINE
4 non-polymer 'ACETATE ION'
5 water water
#
loop_
_entity_poly.entity_id
_entity_poly.type
_entity_poly.pdbx_seq_one_letter_code
_entity_poly.pdbx_strand_id
1 'polypeptide(L)'
;MSDTWSSIQAHKKQLDSLRERLQRRRKQDSGHLDLRNPEAALSPTFRSDSPVPTAPTSGGPKPSTASAVPELATDPELEK
KLLHHLSDLALTLPTDAVSICLAISTPDAPATQDGVESLLQKFAAQELIEVKRGLLQDDAHPTLVTYADHSKLSAMMGAV
AEKKGPGEVAGTVTGQKRRAEQDSTTVAAFASSLVSGLNSSASEPAKEPAKKSRKHAASDVDLEIESLLNQQSTKEQQSK
KVSQEILELLNTTTAKEQSIVEKFRSRGRAQVQEFCDYGTKEECMKASDADRPCRKLHFRRIINKHTDESLGDCSFLNTC
FHMDTCKYVHYEIDACMDSEAPGSKDHTPSQELALTQSVGGDSSADRLFPPQWICCDIRYLDVSILGKFAVVMADPPWDI
HMELPYGTLTDDEMRRLNIPVLQDDGFLFLWVTGRAMELGRECLNLWGYERVDEIIWVKTNQLQRIIRTGRTGHWLNHGK
EHCLVGVKGNPQGFNQGLDCDVIVAEVRSTSHKPDEIYGMIERLSPGTRKIELFGRPHNVQPNWITLGNQLDGIHLLDPD
VVARFKQRYPDGIISKPKNL
;
A
2 'polypeptide(L)'
;MDSRLQEIRERQKLRRQLLAQQLGAESADSIGAVLNSKDEQREIAETRETCRASYDTSAPNAKRKYLDEGETDEDKMEEY
KDELEMQQDEENLPYEEEIYKDSSTFLKGTQSLNPHNDYCQHFVDTGHRPQNFIRDVGLADRFEEYPKLRELIRLKDELI
AKSNTPPMYLQADIEAFDIRELTPKFDVILLEPPLEEYYRETGITANEKCWTWDDIMKLEIDEIAAPRSFIFLWCGSGEG
LDLGRVCLRKWGYRRCEDICWIKTNKNNPGKTKTLDPKAVFQRTKEHCLMGIKGTVKRSTDGDFIHANVDIDLIITEEPE
IGNIEKPVEIFHIIEHFCLGRRRLHLFGRDSTIRPGWLTVGPTLTNSNYNAETYASYFSAPNSYLTGCTEEIERLRPKSP
PPKSKSDRGGGAPRGGGRGGTSAGRGRERNRSNFRGERGGFRGGRGGAHRGGFPPR
;
B
#
loop_
_chem_comp.id
_chem_comp.type
_chem_comp.name
_chem_comp.formula
ACT non-polymer 'ACETATE ION' 'C2 H3 O2 -1'
ADN non-polymer ADENOSINE 'C10 H13 N5 O4'
#
# COMPACT_ATOMS: atom_id res chain seq x y z
N LEU A 368 5.90 7.05 -35.45
CA LEU A 368 5.45 6.16 -34.39
C LEU A 368 6.32 6.26 -33.14
N PHE A 369 7.51 5.65 -33.18
CA PHE A 369 8.32 5.48 -31.97
C PHE A 369 8.64 6.77 -31.22
N PRO A 370 8.93 7.91 -31.86
CA PRO A 370 9.25 9.12 -31.08
C PRO A 370 8.05 9.65 -30.30
N PRO A 371 8.26 10.54 -29.32
CA PRO A 371 7.17 10.96 -28.44
C PRO A 371 6.02 11.62 -29.18
N GLN A 372 4.80 11.40 -28.66
CA GLN A 372 3.59 11.98 -29.23
C GLN A 372 2.70 12.46 -28.10
N TRP A 373 1.87 13.46 -28.37
CA TRP A 373 0.99 13.95 -27.33
C TRP A 373 -0.21 14.68 -27.92
N ILE A 374 -1.24 14.82 -27.10
CA ILE A 374 -2.48 15.51 -27.47
C ILE A 374 -2.88 16.37 -26.28
N CYS A 375 -2.86 17.68 -26.45
CA CYS A 375 -3.48 18.57 -25.48
C CYS A 375 -5.00 18.44 -25.55
N CYS A 376 -5.63 18.11 -24.44
CA CYS A 376 -7.07 17.89 -24.48
C CYS A 376 -7.62 17.80 -23.08
N ASP A 377 -8.95 17.85 -23.01
CA ASP A 377 -9.69 17.47 -21.82
C ASP A 377 -9.98 15.98 -21.93
N ILE A 378 -9.37 15.19 -21.05
CA ILE A 378 -9.46 13.74 -21.17
C ILE A 378 -10.89 13.28 -20.95
N ARG A 379 -11.71 14.08 -20.28
CA ARG A 379 -13.13 13.73 -20.13
C ARG A 379 -13.84 13.66 -21.47
N TYR A 380 -13.43 14.48 -22.44
CA TYR A 380 -14.19 14.65 -23.68
C TYR A 380 -13.52 14.08 -24.94
N LEU A 381 -12.22 13.81 -24.92
CA LEU A 381 -11.58 13.24 -26.09
C LEU A 381 -12.19 11.88 -26.41
N ASP A 382 -12.39 11.60 -27.70
CA ASP A 382 -12.81 10.28 -28.13
C ASP A 382 -11.55 9.41 -28.23
N VAL A 383 -11.24 8.67 -27.17
CA VAL A 383 -9.97 7.94 -27.16
C VAL A 383 -9.99 6.71 -28.05
N SER A 384 -11.13 6.36 -28.64
CA SER A 384 -11.18 5.22 -29.56
C SER A 384 -10.31 5.42 -30.79
N ILE A 385 -10.02 6.67 -31.16
CA ILE A 385 -9.15 6.91 -32.31
C ILE A 385 -7.69 6.56 -32.03
N LEU A 386 -7.35 6.20 -30.80
CA LEU A 386 -5.94 6.02 -30.44
C LEU A 386 -5.46 4.60 -30.60
N GLY A 387 -6.37 3.63 -30.75
CA GLY A 387 -5.95 2.24 -30.85
C GLY A 387 -5.76 1.60 -29.48
N LYS A 388 -5.09 0.45 -29.51
CA LYS A 388 -4.89 -0.38 -28.33
C LYS A 388 -3.44 -0.29 -27.87
N PHE A 389 -3.23 -0.43 -26.56
CA PHE A 389 -1.94 -0.17 -25.95
C PHE A 389 -1.52 -1.32 -25.04
N ALA A 390 -0.23 -1.62 -25.03
CA ALA A 390 0.25 -2.65 -24.12
C ALA A 390 0.25 -2.17 -22.67
N VAL A 391 0.41 -0.87 -22.45
CA VAL A 391 0.48 -0.33 -21.09
C VAL A 391 -0.25 1.01 -21.05
N VAL A 392 -1.10 1.18 -20.06
CA VAL A 392 -1.72 2.46 -19.74
C VAL A 392 -1.15 2.94 -18.42
N MET A 393 -0.79 4.23 -18.35
CA MET A 393 -0.41 4.81 -17.06
C MET A 393 -1.22 6.08 -16.82
N ALA A 394 -1.60 6.30 -15.56
CA ALA A 394 -2.36 7.50 -15.21
C ALA A 394 -1.94 8.01 -13.85
N ASP A 395 -1.82 9.33 -13.73
CA ASP A 395 -1.61 10.02 -12.47
C ASP A 395 -2.75 11.02 -12.32
N PRO A 396 -3.94 10.54 -11.95
CA PRO A 396 -5.14 11.37 -12.09
C PRO A 396 -5.21 12.43 -11.00
N PRO A 397 -5.86 13.55 -11.27
CA PRO A 397 -6.07 14.56 -10.23
C PRO A 397 -7.30 14.20 -9.40
N TRP A 398 -7.11 13.22 -8.52
CA TRP A 398 -8.17 12.74 -7.64
C TRP A 398 -8.71 13.87 -6.78
N ASP A 399 -10.02 13.83 -6.52
CA ASP A 399 -10.68 14.84 -5.69
C ASP A 399 -10.59 14.46 -4.21
N ILE A 400 -9.37 14.60 -3.68
CA ILE A 400 -9.13 14.33 -2.28
C ILE A 400 -9.14 15.66 -1.54
N HIS A 401 -8.89 15.61 -0.23
CA HIS A 401 -8.94 16.78 0.66
C HIS A 401 -10.30 17.50 0.55
N GLY A 407 -8.01 21.92 -10.14
CA GLY A 407 -8.25 21.24 -11.39
C GLY A 407 -8.32 19.72 -11.27
N THR A 408 -9.36 19.24 -10.58
CA THR A 408 -9.52 17.83 -10.27
C THR A 408 -10.72 17.25 -11.01
N LEU A 409 -10.90 15.95 -10.85
CA LEU A 409 -12.00 15.22 -11.44
C LEU A 409 -12.83 14.59 -10.32
N THR A 410 -14.14 14.69 -10.42
CA THR A 410 -14.96 14.07 -9.40
C THR A 410 -14.85 12.56 -9.51
N ASP A 411 -15.27 11.88 -8.44
CA ASP A 411 -15.24 10.43 -8.46
C ASP A 411 -16.06 9.85 -9.62
N ASP A 412 -17.19 10.48 -9.98
CA ASP A 412 -17.97 9.97 -11.12
C ASP A 412 -17.23 10.19 -12.44
N GLU A 413 -16.60 11.35 -12.62
CA GLU A 413 -15.82 11.56 -13.85
C GLU A 413 -14.71 10.53 -13.99
N MET A 414 -14.03 10.20 -12.89
CA MET A 414 -13.00 9.17 -12.93
C MET A 414 -13.58 7.83 -13.33
N ARG A 415 -14.68 7.41 -12.67
CA ARG A 415 -15.34 6.16 -13.02
C ARG A 415 -15.69 6.10 -14.49
N ARG A 416 -16.13 7.21 -15.05
CA ARG A 416 -16.65 7.17 -16.42
C ARG A 416 -15.57 7.28 -17.48
N LEU A 417 -14.31 7.50 -17.10
CA LEU A 417 -13.27 7.62 -18.13
C LEU A 417 -13.24 6.38 -19.00
N ASN A 418 -13.07 6.57 -20.32
CA ASN A 418 -13.20 5.43 -21.22
C ASN A 418 -11.91 4.62 -21.26
N ILE A 419 -11.40 4.25 -20.07
CA ILE A 419 -10.24 3.35 -20.01
C ILE A 419 -10.48 2.04 -20.73
N PRO A 420 -11.66 1.40 -20.66
CA PRO A 420 -11.79 0.05 -21.23
C PRO A 420 -11.50 -0.07 -22.71
N VAL A 421 -11.67 1.00 -23.49
CA VAL A 421 -11.39 0.89 -24.92
C VAL A 421 -9.88 0.92 -25.22
N LEU A 422 -9.07 1.35 -24.26
CA LEU A 422 -7.65 1.56 -24.53
C LEU A 422 -6.84 0.26 -24.63
N GLN A 423 -7.34 -0.86 -24.11
CA GLN A 423 -6.53 -2.08 -24.10
C GLN A 423 -7.40 -3.31 -24.30
N ASP A 424 -6.78 -4.36 -24.87
CA ASP A 424 -7.32 -5.71 -24.86
C ASP A 424 -6.59 -6.60 -23.88
N ASP A 425 -5.27 -6.70 -23.99
CA ASP A 425 -4.45 -7.48 -23.06
C ASP A 425 -3.25 -6.64 -22.66
N GLY A 426 -3.15 -6.33 -21.37
CA GLY A 426 -2.00 -5.57 -20.91
C GLY A 426 -2.19 -5.07 -19.48
N PHE A 427 -1.40 -4.06 -19.15
CA PHE A 427 -1.24 -3.60 -17.78
C PHE A 427 -1.61 -2.13 -17.64
N LEU A 428 -2.11 -1.79 -16.46
CA LEU A 428 -2.47 -0.44 -16.09
C LEU A 428 -1.67 -0.04 -14.86
N PHE A 429 -1.05 1.14 -14.90
CA PHE A 429 -0.33 1.69 -13.77
C PHE A 429 -1.08 2.92 -13.30
N LEU A 430 -1.53 2.91 -12.04
CA LEU A 430 -2.46 3.94 -11.57
C LEU A 430 -1.97 4.54 -10.25
N TRP A 431 -1.51 5.79 -10.29
CA TRP A 431 -1.01 6.41 -9.07
C TRP A 431 -2.17 6.77 -8.17
N VAL A 432 -2.00 6.53 -6.86
CA VAL A 432 -3.04 6.77 -5.86
C VAL A 432 -2.42 7.39 -4.62
N THR A 433 -3.26 8.11 -3.87
CA THR A 433 -2.85 8.63 -2.57
C THR A 433 -4.12 8.84 -1.76
N GLY A 434 -3.97 8.84 -0.44
CA GLY A 434 -5.12 9.15 0.43
C GLY A 434 -6.27 8.22 0.12
N ARG A 435 -7.49 8.77 0.02
CA ARG A 435 -8.64 7.90 -0.20
C ARG A 435 -8.75 7.40 -1.64
N ALA A 436 -7.94 7.91 -2.58
CA ALA A 436 -7.82 7.26 -3.88
C ALA A 436 -7.15 5.90 -3.81
N MET A 437 -6.52 5.54 -2.69
CA MET A 437 -6.08 4.16 -2.55
C MET A 437 -7.25 3.20 -2.66
N GLU A 438 -8.40 3.61 -2.14
CA GLU A 438 -9.62 2.82 -2.28
C GLU A 438 -10.38 3.16 -3.56
N LEU A 439 -10.57 4.45 -3.84
CA LEU A 439 -11.27 4.83 -5.07
C LEU A 439 -10.53 4.34 -6.30
N GLY A 440 -9.20 4.41 -6.29
CA GLY A 440 -8.44 3.90 -7.41
C GLY A 440 -8.66 2.41 -7.63
N ARG A 441 -8.78 1.65 -6.52
CA ARG A 441 -9.11 0.23 -6.65
C ARG A 441 -10.50 0.04 -7.25
N GLU A 442 -11.44 0.89 -6.89
CA GLU A 442 -12.78 0.81 -7.46
C GLU A 442 -12.74 1.06 -8.97
N CYS A 443 -12.10 2.15 -9.39
CA CYS A 443 -11.99 2.41 -10.83
C CYS A 443 -11.27 1.28 -11.55
N LEU A 444 -10.15 0.83 -11.02
CA LEU A 444 -9.41 -0.23 -11.69
C LEU A 444 -10.34 -1.43 -11.94
N ASN A 445 -11.11 -1.83 -10.92
CA ASN A 445 -11.97 -2.99 -11.08
C ASN A 445 -13.12 -2.69 -12.04
N LEU A 446 -13.76 -1.53 -11.90
CA LEU A 446 -14.83 -1.13 -12.82
C LEU A 446 -14.35 -1.11 -14.26
N TRP A 447 -13.14 -0.60 -14.50
CA TRP A 447 -12.62 -0.57 -15.85
C TRP A 447 -12.22 -1.94 -16.38
N GLY A 448 -12.33 -2.99 -15.58
CA GLY A 448 -12.08 -4.35 -16.05
C GLY A 448 -10.71 -4.92 -15.73
N TYR A 449 -10.00 -4.37 -14.74
CA TYR A 449 -8.68 -4.84 -14.38
C TYR A 449 -8.73 -5.54 -13.04
N GLU A 450 -7.81 -6.49 -12.85
CA GLU A 450 -7.52 -7.07 -11.54
C GLU A 450 -6.20 -6.48 -11.03
N ARG A 451 -6.19 -5.96 -9.80
CA ARG A 451 -4.93 -5.41 -9.27
C ARG A 451 -4.01 -6.57 -8.95
N VAL A 452 -2.81 -6.59 -9.54
CA VAL A 452 -1.90 -7.70 -9.33
C VAL A 452 -0.56 -7.28 -8.74
N ASP A 453 -0.29 -5.99 -8.58
CA ASP A 453 0.93 -5.55 -7.91
C ASP A 453 0.69 -4.15 -7.38
N GLU A 454 1.62 -3.68 -6.55
CA GLU A 454 1.53 -2.31 -6.05
C GLU A 454 2.94 -1.79 -5.85
N ILE A 455 3.34 -0.86 -6.69
CA ILE A 455 4.67 -0.26 -6.60
C ILE A 455 4.64 0.84 -5.54
N ILE A 456 5.68 0.94 -4.74
CA ILE A 456 5.83 2.15 -3.92
C ILE A 456 7.11 2.86 -4.29
N TRP A 457 7.02 4.18 -4.34
CA TRP A 457 8.16 5.05 -4.58
C TRP A 457 8.54 5.65 -3.23
N VAL A 458 9.69 5.23 -2.70
CA VAL A 458 10.26 5.87 -1.52
C VAL A 458 10.92 7.18 -1.96
N LYS A 459 10.48 8.28 -1.38
CA LYS A 459 10.91 9.61 -1.81
C LYS A 459 12.15 10.01 -1.02
N THR A 460 13.23 10.36 -1.74
CA THR A 460 14.48 10.76 -1.10
C THR A 460 14.92 12.14 -1.61
N ASN A 461 15.86 12.74 -0.88
CA ASN A 461 16.60 13.89 -1.38
C ASN A 461 17.81 13.42 -2.19
N GLN A 462 18.63 14.37 -2.63
CA GLN A 462 19.80 14.02 -3.42
C GLN A 462 20.84 13.24 -2.63
N LEU A 463 20.69 13.16 -1.30
CA LEU A 463 21.59 12.38 -0.45
C LEU A 463 20.98 11.04 -0.02
N GLN A 464 19.95 10.56 -0.72
CA GLN A 464 19.36 9.23 -0.49
C GLN A 464 18.80 9.09 0.94
N ARG A 465 18.26 10.17 1.48
CA ARG A 465 17.56 10.14 2.76
C ARG A 465 16.07 10.41 2.51
N ILE A 466 15.21 9.72 3.26
CA ILE A 466 13.77 9.84 3.07
C ILE A 466 13.31 11.25 3.42
N ILE A 467 12.46 11.82 2.57
CA ILE A 467 11.85 13.11 2.83
C ILE A 467 10.87 13.05 4.02
N HIS A 474 -1.92 12.29 8.23
CA HIS A 474 -2.32 12.91 9.49
C HIS A 474 -1.71 12.19 10.69
N TRP A 475 -1.81 10.87 10.71
CA TRP A 475 -1.26 10.12 11.85
C TRP A 475 0.23 9.90 11.71
N LEU A 476 0.70 9.63 10.49
CA LEU A 476 2.11 9.37 10.23
C LEU A 476 2.60 10.29 9.11
N ASN A 477 3.87 10.66 9.19
CA ASN A 477 4.51 11.28 8.04
C ASN A 477 4.56 10.28 6.90
N HIS A 478 4.45 10.78 5.68
CA HIS A 478 4.38 9.92 4.49
C HIS A 478 5.71 9.95 3.76
N GLY A 479 6.33 8.79 3.64
CA GLY A 479 7.59 8.68 2.94
C GLY A 479 7.49 8.10 1.55
N LYS A 480 6.27 7.88 1.04
CA LYS A 480 6.13 7.09 -0.17
C LYS A 480 4.86 7.49 -0.91
N GLU A 481 4.82 7.13 -2.19
CA GLU A 481 3.60 7.20 -2.96
C GLU A 481 3.38 5.85 -3.64
N HIS A 482 2.12 5.54 -3.91
CA HIS A 482 1.73 4.19 -4.34
C HIS A 482 1.26 4.22 -5.78
N CYS A 483 1.61 3.16 -6.52
CA CYS A 483 1.10 3.02 -7.87
C CYS A 483 0.53 1.61 -8.02
N LEU A 484 -0.80 1.52 -8.12
CA LEU A 484 -1.44 0.23 -8.35
C LEU A 484 -1.12 -0.28 -9.73
N VAL A 485 -0.98 -1.61 -9.84
CA VAL A 485 -0.72 -2.29 -11.11
C VAL A 485 -1.88 -3.24 -11.37
N GLY A 486 -2.63 -2.98 -12.43
CA GLY A 486 -3.75 -3.81 -12.81
C GLY A 486 -3.41 -4.58 -14.07
N VAL A 487 -4.01 -5.76 -14.22
CA VAL A 487 -3.89 -6.55 -15.44
C VAL A 487 -5.28 -6.73 -16.05
N LYS A 488 -5.34 -6.67 -17.38
CA LYS A 488 -6.55 -6.90 -18.15
C LYS A 488 -6.26 -7.95 -19.21
N GLY A 489 -7.15 -8.93 -19.34
CA GLY A 489 -7.01 -9.92 -20.40
C GLY A 489 -5.87 -10.90 -20.13
N ASN A 490 -5.21 -11.32 -21.22
CA ASN A 490 -4.14 -12.34 -21.19
C ASN A 490 -2.87 -11.76 -21.80
N PRO A 491 -2.11 -10.96 -21.07
CA PRO A 491 -0.85 -10.43 -21.63
C PRO A 491 0.13 -11.56 -21.92
N GLN A 492 0.67 -11.58 -23.13
CA GLN A 492 1.66 -12.58 -23.50
C GLN A 492 2.95 -11.87 -23.93
N GLY A 493 4.07 -12.46 -23.57
CA GLY A 493 5.35 -11.93 -24.01
C GLY A 493 5.87 -10.74 -23.22
N PHE A 494 5.32 -10.49 -22.04
CA PHE A 494 5.86 -9.48 -21.15
C PHE A 494 6.94 -10.12 -20.28
N ASN A 495 7.87 -9.30 -19.82
CA ASN A 495 9.02 -9.77 -19.04
C ASN A 495 8.77 -9.53 -17.56
N GLN A 496 7.88 -10.34 -17.00
CA GLN A 496 7.50 -10.18 -15.61
C GLN A 496 8.61 -10.63 -14.68
N GLY A 497 8.87 -9.86 -13.63
CA GLY A 497 9.85 -10.23 -12.63
C GLY A 497 11.24 -9.65 -12.78
N LEU A 498 11.46 -8.77 -13.74
CA LEU A 498 12.80 -8.19 -13.88
C LEU A 498 13.06 -7.12 -12.84
N ASP A 499 12.08 -6.26 -12.57
CA ASP A 499 12.24 -5.21 -11.57
C ASP A 499 11.50 -5.59 -10.30
N CYS A 500 11.88 -4.93 -9.22
CA CYS A 500 11.12 -5.12 -8.00
CA CYS A 500 11.27 -4.97 -7.90
C CYS A 500 10.13 -3.97 -7.82
N ASP A 501 9.27 -4.14 -6.81
CA ASP A 501 8.14 -3.24 -6.62
C ASP A 501 8.46 -2.06 -5.70
N VAL A 502 9.74 -1.73 -5.50
CA VAL A 502 10.10 -0.55 -4.74
C VAL A 502 10.96 0.35 -5.62
N ILE A 503 10.60 1.64 -5.69
CA ILE A 503 11.39 2.66 -6.38
C ILE A 503 11.99 3.59 -5.33
N VAL A 504 13.29 3.80 -5.40
CA VAL A 504 13.99 4.80 -4.58
C VAL A 504 14.51 5.85 -5.55
N ALA A 505 14.03 7.08 -5.41
CA ALA A 505 14.34 8.12 -6.38
C ALA A 505 14.01 9.47 -5.79
N GLU A 506 14.69 10.49 -6.30
CA GLU A 506 14.62 11.84 -5.74
C GLU A 506 13.29 12.51 -6.09
N VAL A 507 12.79 13.31 -5.14
CA VAL A 507 11.65 14.17 -5.43
C VAL A 507 12.11 15.34 -6.28
N ARG A 508 11.32 15.66 -7.30
CA ARG A 508 11.55 16.84 -8.14
C ARG A 508 10.39 17.83 -7.91
N SER A 509 9.77 18.38 -8.95
CA SER A 509 8.65 19.29 -8.76
C SER A 509 7.45 18.54 -8.19
N THR A 510 6.45 19.28 -7.75
CA THR A 510 5.28 18.67 -7.13
C THR A 510 4.42 17.97 -8.17
N SER A 511 3.90 16.80 -7.80
CA SER A 511 3.14 15.87 -8.64
C SER A 511 3.99 15.23 -9.72
N HIS A 512 5.30 15.48 -9.73
CA HIS A 512 6.20 14.89 -10.73
C HIS A 512 6.65 13.52 -10.22
N LYS A 513 6.18 12.46 -10.86
CA LYS A 513 6.55 11.09 -10.55
C LYS A 513 7.95 10.78 -11.08
N PRO A 514 8.62 9.75 -10.55
CA PRO A 514 10.00 9.46 -10.98
C PRO A 514 10.07 8.86 -12.38
N ASP A 515 11.11 9.26 -13.12
CA ASP A 515 11.31 8.76 -14.48
C ASP A 515 11.67 7.29 -14.51
N GLU A 516 12.09 6.73 -13.37
CA GLU A 516 12.44 5.31 -13.33
C GLU A 516 11.27 4.43 -13.76
N ILE A 517 10.03 4.89 -13.58
CA ILE A 517 8.90 4.03 -13.95
C ILE A 517 8.90 3.73 -15.44
N TYR A 518 9.34 4.67 -16.28
CA TYR A 518 9.34 4.41 -17.74
C TYR A 518 10.32 3.30 -18.09
N GLY A 519 11.46 3.26 -17.41
CA GLY A 519 12.41 2.18 -17.65
C GLY A 519 11.89 0.83 -17.17
N MET A 520 11.24 0.80 -16.01
CA MET A 520 10.61 -0.43 -15.53
C MET A 520 9.55 -0.91 -16.51
N ILE A 521 8.76 0.03 -17.03
CA ILE A 521 7.69 -0.34 -17.96
C ILE A 521 8.27 -0.77 -19.31
N GLU A 522 9.36 -0.14 -19.74
CA GLU A 522 9.99 -0.52 -21.00
C GLU A 522 10.63 -1.90 -20.90
N ARG A 523 11.27 -2.23 -19.77
CA ARG A 523 11.81 -3.58 -19.67
C ARG A 523 10.69 -4.59 -19.57
N LEU A 524 9.57 -4.23 -18.93
CA LEU A 524 8.45 -5.14 -18.83
C LEU A 524 7.87 -5.47 -20.20
N SER A 525 7.81 -4.48 -21.09
CA SER A 525 7.12 -4.63 -22.38
C SER A 525 7.84 -3.76 -23.40
N PRO A 526 9.00 -4.23 -23.90
CA PRO A 526 9.83 -3.36 -24.75
C PRO A 526 9.23 -3.15 -26.13
N GLY A 527 9.34 -1.89 -26.60
CA GLY A 527 8.96 -1.51 -27.94
C GLY A 527 7.47 -1.42 -28.22
N THR A 528 6.62 -1.72 -27.25
CA THR A 528 5.17 -1.71 -27.50
C THR A 528 4.62 -0.30 -27.36
N ARG A 529 3.40 -0.09 -27.89
CA ARG A 529 2.74 1.20 -27.74
C ARG A 529 2.17 1.38 -26.35
N LYS A 530 2.37 2.56 -25.79
CA LYS A 530 1.94 2.88 -24.45
C LYS A 530 1.26 4.24 -24.44
N ILE A 531 0.39 4.46 -23.48
CA ILE A 531 -0.32 5.73 -23.40
C ILE A 531 -0.33 6.19 -21.95
N GLU A 532 -0.11 7.50 -21.76
CA GLU A 532 -0.15 8.12 -20.43
C GLU A 532 -1.26 9.16 -20.37
N LEU A 533 -2.06 9.10 -19.32
CA LEU A 533 -3.15 10.03 -19.09
C LEU A 533 -2.77 11.00 -17.99
N PHE A 534 -3.14 12.26 -18.18
CA PHE A 534 -2.81 13.34 -17.25
C PHE A 534 -1.31 13.55 -17.14
N GLY A 535 -0.59 13.34 -18.24
CA GLY A 535 0.81 13.69 -18.27
C GLY A 535 1.02 15.17 -18.50
N ARG A 536 2.22 15.63 -18.20
CA ARG A 536 2.66 16.98 -18.45
C ARG A 536 3.82 16.93 -19.44
N PRO A 537 4.25 18.09 -19.98
CA PRO A 537 5.26 18.06 -21.05
C PRO A 537 6.49 17.21 -20.72
N HIS A 538 6.96 17.27 -19.48
CA HIS A 538 8.13 16.47 -19.12
C HIS A 538 7.87 14.97 -19.16
N ASN A 539 6.61 14.54 -19.27
CA ASN A 539 6.30 13.12 -19.29
C ASN A 539 6.43 12.48 -20.66
N VAL A 540 6.55 13.27 -21.74
CA VAL A 540 6.52 12.67 -23.07
C VAL A 540 7.77 11.83 -23.26
N GLN A 541 7.63 10.67 -23.90
CA GLN A 541 8.68 9.65 -23.99
C GLN A 541 8.51 8.90 -25.30
N PRO A 542 9.59 8.33 -25.86
CA PRO A 542 9.42 7.46 -27.02
C PRO A 542 8.52 6.28 -26.68
N ASN A 543 7.78 5.82 -27.69
CA ASN A 543 6.80 4.74 -27.62
C ASN A 543 5.54 5.13 -26.84
N TRP A 544 5.47 6.33 -26.28
CA TRP A 544 4.32 6.78 -25.50
C TRP A 544 3.53 7.85 -26.25
N ILE A 545 2.21 7.80 -26.10
CA ILE A 545 1.33 8.91 -26.42
C ILE A 545 0.86 9.50 -25.10
N THR A 546 1.08 10.79 -24.90
CA THR A 546 0.75 11.46 -23.65
C THR A 546 -0.48 12.34 -23.84
N LEU A 547 -1.44 12.24 -22.92
CA LEU A 547 -2.64 13.07 -22.95
C LEU A 547 -2.69 13.92 -21.69
N GLY A 548 -3.13 15.15 -21.85
CA GLY A 548 -3.24 16.06 -20.72
C GLY A 548 -3.56 17.46 -21.20
N ASN A 549 -4.09 18.30 -20.30
CA ASN A 549 -4.55 19.63 -20.66
C ASN A 549 -3.49 20.71 -20.46
N GLN A 550 -2.28 20.34 -20.04
CA GLN A 550 -1.16 21.27 -19.98
C GLN A 550 -0.06 20.91 -20.97
N LEU A 551 -0.37 20.08 -21.96
CA LEU A 551 0.54 19.86 -23.06
C LEU A 551 0.33 20.93 -24.12
N ASP A 552 1.31 21.07 -24.99
CA ASP A 552 1.34 22.15 -25.98
C ASP A 552 0.82 21.61 -27.30
N GLY A 553 -0.46 21.83 -27.57
CA GLY A 553 -1.06 21.46 -28.84
C GLY A 553 -1.10 19.95 -29.05
N ILE A 554 -1.04 19.56 -30.32
CA ILE A 554 -1.07 18.16 -30.73
C ILE A 554 0.25 17.84 -31.43
N HIS A 555 0.72 16.60 -31.25
CA HIS A 555 1.93 16.14 -31.94
C HIS A 555 1.79 14.64 -32.16
N LEU A 556 1.38 14.26 -33.37
CA LEU A 556 1.08 12.87 -33.72
C LEU A 556 1.88 12.45 -34.94
N LEU A 557 2.40 11.22 -34.92
CA LEU A 557 3.31 10.76 -35.95
C LEU A 557 2.94 9.38 -36.47
N ASP A 558 2.26 8.59 -35.64
CA ASP A 558 1.74 7.31 -36.06
C ASP A 558 0.68 7.52 -37.14
N PRO A 559 0.88 6.98 -38.35
CA PRO A 559 -0.08 7.24 -39.43
C PRO A 559 -1.48 6.70 -39.15
N ASP A 560 -1.59 5.52 -38.51
CA ASP A 560 -2.90 5.02 -38.11
C ASP A 560 -3.62 6.05 -37.23
N VAL A 561 -2.91 6.65 -36.29
CA VAL A 561 -3.53 7.60 -35.37
C VAL A 561 -3.82 8.92 -36.07
N VAL A 562 -2.89 9.38 -36.91
CA VAL A 562 -3.13 10.62 -37.65
C VAL A 562 -4.38 10.50 -38.52
N ALA A 563 -4.53 9.37 -39.21
CA ALA A 563 -5.71 9.16 -40.05
C ALA A 563 -7.00 9.24 -39.23
N ARG A 564 -7.09 8.44 -38.16
CA ARG A 564 -8.33 8.40 -37.40
C ARG A 564 -8.59 9.72 -36.68
N PHE A 565 -7.53 10.45 -36.32
CA PHE A 565 -7.74 11.76 -35.70
C PHE A 565 -8.36 12.75 -36.70
N LYS A 566 -7.88 12.76 -37.94
CA LYS A 566 -8.45 13.66 -38.93
C LYS A 566 -9.90 13.30 -39.26
N GLN A 567 -10.20 11.99 -39.38
CA GLN A 567 -11.57 11.57 -39.60
C GLN A 567 -12.49 12.04 -38.47
N ARG A 568 -12.05 11.84 -37.22
CA ARG A 568 -12.92 12.14 -36.07
C ARG A 568 -12.93 13.62 -35.74
N TYR A 569 -11.81 14.32 -35.94
CA TYR A 569 -11.67 15.74 -35.62
C TYR A 569 -11.15 16.48 -36.85
N PRO A 570 -11.94 16.57 -37.92
CA PRO A 570 -11.45 17.19 -39.16
C PRO A 570 -11.05 18.65 -39.01
N ASP A 571 -11.66 19.38 -38.08
CA ASP A 571 -11.31 20.77 -37.82
C ASP A 571 -10.45 20.94 -36.57
N GLY A 572 -9.82 19.86 -36.09
CA GLY A 572 -8.83 19.94 -35.03
C GLY A 572 -9.33 20.44 -33.70
N ILE A 573 -10.62 20.28 -33.40
CA ILE A 573 -11.22 20.81 -32.18
C ILE A 573 -11.91 19.67 -31.43
N ILE A 574 -11.75 19.66 -30.11
CA ILE A 574 -12.26 18.60 -29.24
C ILE A 574 -13.25 19.20 -28.25
N SER A 575 -14.53 18.88 -28.41
CA SER A 575 -15.58 19.44 -27.57
C SER A 575 -16.59 18.36 -27.18
N LYS A 576 -17.36 18.66 -26.14
CA LYS A 576 -18.43 17.78 -25.64
C LYS A 576 -17.91 16.42 -25.21
N ASN B 117 21.34 8.56 -10.54
CA ASN B 117 21.53 7.14 -10.76
C ASN B 117 20.20 6.37 -10.61
N ASP B 118 19.94 5.46 -11.56
CA ASP B 118 18.68 4.71 -11.63
C ASP B 118 18.85 3.41 -10.85
N TYR B 119 18.29 3.36 -9.63
CA TYR B 119 18.45 2.17 -8.82
C TYR B 119 17.62 1.00 -9.33
N CYS B 120 16.60 1.27 -10.16
CA CYS B 120 15.83 0.18 -10.76
C CYS B 120 16.70 -0.59 -11.75
N GLN B 121 17.35 0.15 -12.66
CA GLN B 121 18.37 -0.40 -13.54
C GLN B 121 19.46 -1.10 -12.76
N HIS B 122 19.88 -0.53 -11.63
CA HIS B 122 20.94 -1.17 -10.85
C HIS B 122 20.49 -2.51 -10.30
N PHE B 123 19.22 -2.62 -9.86
CA PHE B 123 18.72 -3.91 -9.38
C PHE B 123 18.71 -4.94 -10.51
N VAL B 124 18.35 -4.53 -11.72
CA VAL B 124 18.30 -5.56 -12.76
C VAL B 124 19.73 -5.96 -13.14
N ASP B 125 20.70 -5.05 -13.01
CA ASP B 125 22.09 -5.37 -13.34
C ASP B 125 22.76 -6.23 -12.27
N THR B 126 22.50 -5.94 -10.98
CA THR B 126 23.26 -6.50 -9.87
C THR B 126 22.45 -7.31 -8.87
N GLY B 127 21.13 -7.18 -8.83
CA GLY B 127 20.33 -7.86 -7.84
C GLY B 127 20.20 -7.16 -6.50
N HIS B 128 20.90 -6.04 -6.31
CA HIS B 128 20.72 -5.22 -5.12
C HIS B 128 19.45 -4.40 -5.23
N ARG B 129 18.49 -4.67 -4.35
CA ARG B 129 17.23 -3.95 -4.35
C ARG B 129 17.46 -2.45 -4.13
N PRO B 130 16.65 -1.60 -4.77
CA PRO B 130 16.81 -0.14 -4.58
C PRO B 130 16.85 0.28 -3.12
N GLN B 131 16.06 -0.37 -2.26
CA GLN B 131 16.00 0.02 -0.85
C GLN B 131 17.32 -0.23 -0.11
N ASN B 132 18.20 -1.07 -0.67
CA ASN B 132 19.53 -1.26 -0.07
C ASN B 132 20.30 0.04 0.04
N PHE B 133 19.96 1.05 -0.76
CA PHE B 133 20.74 2.28 -0.84
C PHE B 133 20.09 3.45 -0.14
N ILE B 134 18.98 3.24 0.56
CA ILE B 134 18.48 4.28 1.46
C ILE B 134 19.42 4.41 2.65
N ARG B 135 19.73 5.65 3.02
CA ARG B 135 20.66 5.93 4.10
C ARG B 135 19.93 6.41 5.35
N ASP B 136 20.57 6.19 6.50
CA ASP B 136 20.03 6.57 7.81
C ASP B 136 18.72 5.85 8.11
N LEU B 152 15.27 12.92 22.81
CA LEU B 152 14.17 13.71 22.24
C LEU B 152 12.84 12.94 22.17
N ILE B 153 12.85 11.72 22.70
CA ILE B 153 11.70 10.83 22.61
C ILE B 153 11.77 9.90 23.81
N ARG B 154 12.96 9.78 24.40
CA ARG B 154 13.12 8.87 25.56
C ARG B 154 12.17 9.23 26.69
N LEU B 155 11.89 10.51 26.88
CA LEU B 155 10.90 10.97 27.87
C LEU B 155 9.46 10.86 27.34
N LYS B 156 9.26 9.87 26.47
CA LYS B 156 7.96 9.46 25.96
C LYS B 156 7.92 7.93 25.93
N ASP B 157 9.04 7.34 25.51
CA ASP B 157 9.21 5.90 25.54
C ASP B 157 9.13 5.35 26.96
N GLU B 158 9.73 6.05 27.94
CA GLU B 158 9.65 5.53 29.30
C GLU B 158 8.30 5.83 29.97
N LEU B 159 7.60 6.88 29.55
CA LEU B 159 6.23 7.07 30.02
C LEU B 159 5.34 5.94 29.52
N ILE B 160 5.46 5.60 28.23
CA ILE B 160 4.79 4.41 27.73
C ILE B 160 5.18 3.19 28.56
N ALA B 161 6.50 3.04 28.82
CA ALA B 161 6.96 1.91 29.60
C ALA B 161 6.39 1.90 31.01
N LYS B 162 6.27 3.08 31.63
CA LYS B 162 5.73 3.15 32.98
C LYS B 162 4.24 2.80 33.00
N SER B 163 3.50 3.24 31.98
CA SER B 163 2.06 3.05 31.94
C SER B 163 1.67 1.64 31.50
N ASN B 164 2.59 0.87 30.91
CA ASN B 164 2.25 -0.44 30.35
C ASN B 164 1.74 -1.40 31.42
N THR B 165 0.66 -2.09 31.08
CA THR B 165 0.21 -3.19 31.91
C THR B 165 1.24 -4.31 31.90
N PRO B 166 1.20 -5.22 32.88
CA PRO B 166 1.97 -6.45 32.76
C PRO B 166 1.62 -7.17 31.47
N PRO B 167 2.59 -7.87 30.87
CA PRO B 167 2.26 -8.65 29.68
C PRO B 167 1.25 -9.74 30.03
N MET B 168 0.26 -9.91 29.17
CA MET B 168 -0.73 -10.95 29.38
C MET B 168 -0.91 -11.72 28.07
N TYR B 169 -1.19 -13.00 28.18
CA TYR B 169 -1.09 -13.85 27.01
C TYR B 169 -1.98 -15.06 27.22
N LEU B 170 -2.54 -15.56 26.13
CA LEU B 170 -3.50 -16.66 26.20
C LEU B 170 -3.33 -17.55 24.99
N GLN B 171 -3.05 -18.83 25.21
CA GLN B 171 -3.09 -19.79 24.14
C GLN B 171 -4.55 -20.02 23.75
N ALA B 172 -4.85 -19.89 22.46
CA ALA B 172 -6.22 -20.11 22.00
C ALA B 172 -6.18 -20.42 20.52
N ASP B 173 -6.91 -21.45 20.12
CA ASP B 173 -7.06 -21.76 18.70
C ASP B 173 -8.20 -20.88 18.20
N ILE B 174 -7.82 -19.77 17.55
CA ILE B 174 -8.75 -18.69 17.21
C ILE B 174 -9.85 -19.15 16.24
N GLU B 175 -9.63 -20.20 15.45
CA GLU B 175 -10.70 -20.66 14.58
C GLU B 175 -11.83 -21.32 15.36
N ALA B 176 -11.52 -21.84 16.56
CA ALA B 176 -12.46 -22.59 17.39
C ALA B 176 -12.85 -21.85 18.65
N PHE B 177 -12.46 -20.59 18.76
CA PHE B 177 -12.50 -19.86 20.02
C PHE B 177 -13.41 -18.66 19.85
N ASP B 178 -14.31 -18.47 20.82
CA ASP B 178 -15.26 -17.37 20.78
C ASP B 178 -14.56 -16.12 21.31
N ILE B 179 -14.16 -15.24 20.38
CA ILE B 179 -13.35 -14.09 20.78
C ILE B 179 -14.11 -13.12 21.68
N ARG B 180 -15.45 -13.25 21.77
CA ARG B 180 -16.18 -12.44 22.73
C ARG B 180 -15.68 -12.65 24.16
N GLU B 181 -15.03 -13.79 24.43
CA GLU B 181 -14.51 -14.07 25.76
C GLU B 181 -13.34 -13.16 26.12
N LEU B 182 -12.74 -12.49 25.13
CA LEU B 182 -11.66 -11.53 25.40
C LEU B 182 -12.28 -10.18 25.68
N THR B 183 -12.24 -9.78 26.94
CA THR B 183 -12.80 -8.53 27.43
C THR B 183 -11.75 -7.82 28.26
N PRO B 184 -11.84 -6.48 28.39
CA PRO B 184 -12.89 -5.61 27.85
C PRO B 184 -12.62 -5.28 26.38
N LYS B 185 -13.37 -4.35 25.81
CA LYS B 185 -13.17 -4.01 24.41
C LYS B 185 -11.88 -3.23 24.25
N PHE B 186 -11.21 -3.41 23.12
CA PHE B 186 -9.83 -3.02 22.95
C PHE B 186 -9.70 -1.67 22.26
N ASP B 187 -8.71 -0.89 22.72
CA ASP B 187 -8.36 0.36 22.07
C ASP B 187 -7.56 0.14 20.79
N VAL B 188 -6.69 -0.86 20.71
CA VAL B 188 -6.06 -1.09 19.42
C VAL B 188 -5.93 -2.60 19.31
N ILE B 189 -6.00 -3.11 18.09
CA ILE B 189 -5.88 -4.52 17.79
C ILE B 189 -4.84 -4.66 16.70
N LEU B 190 -3.84 -5.51 16.96
CA LEU B 190 -2.84 -5.88 15.96
C LEU B 190 -3.17 -7.29 15.51
N LEU B 191 -3.38 -7.46 14.21
CA LEU B 191 -3.91 -8.71 13.68
C LEU B 191 -2.92 -9.24 12.67
N GLU B 192 -2.39 -10.43 12.92
CA GLU B 192 -1.25 -10.96 12.18
C GLU B 192 -1.55 -12.38 11.71
N PRO B 193 -2.62 -12.58 10.94
CA PRO B 193 -3.01 -13.95 10.54
C PRO B 193 -1.89 -14.60 9.75
N PRO B 194 -1.63 -15.89 9.97
CA PRO B 194 -0.55 -16.56 9.23
C PRO B 194 -0.96 -16.88 7.80
N LEU B 195 -0.57 -16.03 6.86
CA LEU B 195 -0.93 -16.24 5.46
C LEU B 195 -0.01 -17.27 4.82
N GLU B 196 -0.58 -18.06 3.90
CA GLU B 196 0.19 -19.06 3.17
C GLU B 196 1.40 -18.44 2.46
N GLU B 197 1.25 -17.23 1.93
CA GLU B 197 2.36 -16.61 1.19
C GLU B 197 3.58 -16.38 2.09
N TYR B 198 3.41 -16.39 3.41
CA TYR B 198 4.54 -16.19 4.31
C TYR B 198 5.53 -17.37 4.29
N TYR B 199 5.08 -18.54 3.87
CA TYR B 199 5.89 -19.76 3.89
C TYR B 199 6.21 -20.17 2.45
N ARG B 200 7.50 -20.27 2.14
CA ARG B 200 7.96 -20.71 0.81
C ARG B 200 9.46 -20.98 0.80
N LYS B 209 -1.03 -24.43 10.49
CA LYS B 209 -2.36 -24.04 10.02
C LYS B 209 -2.37 -22.61 9.48
N CYS B 210 -2.35 -22.46 8.15
CA CYS B 210 -2.44 -21.15 7.52
C CYS B 210 -3.89 -20.66 7.46
N TRP B 211 -4.05 -19.35 7.45
CA TRP B 211 -5.35 -18.69 7.39
C TRP B 211 -5.55 -18.10 6.00
N THR B 212 -6.69 -18.38 5.38
CA THR B 212 -7.04 -17.70 4.14
C THR B 212 -7.76 -16.38 4.45
N TRP B 213 -7.93 -15.56 3.42
CA TRP B 213 -8.71 -14.34 3.63
C TRP B 213 -10.18 -14.64 3.86
N ASP B 214 -10.67 -15.78 3.37
CA ASP B 214 -12.01 -16.26 3.74
C ASP B 214 -12.12 -16.43 5.25
N ASP B 215 -11.17 -17.17 5.84
CA ASP B 215 -11.13 -17.32 7.29
C ASP B 215 -11.06 -15.98 7.99
N ILE B 216 -10.13 -15.12 7.57
CA ILE B 216 -9.88 -13.88 8.30
C ILE B 216 -11.12 -12.99 8.28
N MET B 217 -11.69 -12.81 7.09
CA MET B 217 -12.86 -11.96 6.93
C MET B 217 -14.02 -12.38 7.84
N LYS B 218 -14.10 -13.66 8.20
CA LYS B 218 -15.18 -14.16 9.02
C LYS B 218 -14.90 -14.02 10.51
N LEU B 219 -13.75 -13.49 10.90
CA LEU B 219 -13.51 -13.16 12.30
C LEU B 219 -14.43 -12.03 12.72
N GLU B 220 -14.93 -12.09 13.95
CA GLU B 220 -15.90 -11.09 14.40
C GLU B 220 -15.21 -9.97 15.16
N ILE B 221 -14.32 -9.25 14.45
CA ILE B 221 -13.47 -8.27 15.13
C ILE B 221 -14.30 -7.14 15.72
N ASP B 222 -15.39 -6.74 15.05
CA ASP B 222 -16.23 -5.66 15.56
C ASP B 222 -16.79 -5.96 16.93
N GLU B 223 -16.88 -7.24 17.32
CA GLU B 223 -17.46 -7.58 18.60
C GLU B 223 -16.54 -7.29 19.76
N ILE B 224 -15.24 -7.09 19.51
CA ILE B 224 -14.29 -6.85 20.59
C ILE B 224 -13.58 -5.51 20.48
N ALA B 225 -13.82 -4.74 19.42
CA ALA B 225 -13.19 -3.45 19.29
C ALA B 225 -14.02 -2.42 20.03
N ALA B 226 -13.34 -1.48 20.69
CA ALA B 226 -14.06 -0.43 21.37
C ALA B 226 -14.69 0.52 20.34
N PRO B 227 -15.80 1.17 20.70
CA PRO B 227 -16.48 2.07 19.74
C PRO B 227 -15.55 3.04 19.03
N ARG B 228 -14.61 3.64 19.75
CA ARG B 228 -13.49 4.34 19.13
C ARG B 228 -12.25 3.49 19.36
N SER B 229 -11.62 3.04 18.28
CA SER B 229 -10.49 2.13 18.43
C SER B 229 -9.78 2.02 17.08
N PHE B 230 -8.69 1.25 17.09
CA PHE B 230 -7.76 1.19 15.98
C PHE B 230 -7.41 -0.25 15.68
N ILE B 231 -7.06 -0.50 14.41
CA ILE B 231 -6.64 -1.82 13.98
C ILE B 231 -5.41 -1.66 13.12
N PHE B 232 -4.49 -2.61 13.23
CA PHE B 232 -3.31 -2.70 12.41
C PHE B 232 -3.32 -4.11 11.85
N LEU B 233 -3.50 -4.23 10.53
CA LEU B 233 -3.72 -5.53 9.90
C LEU B 233 -2.58 -5.79 8.92
N TRP B 234 -1.74 -6.79 9.23
CA TRP B 234 -0.71 -7.25 8.29
C TRP B 234 -1.39 -7.96 7.12
N CYS B 235 -1.22 -7.43 5.90
CA CYS B 235 -1.91 -7.90 4.70
C CYS B 235 -0.99 -8.59 3.70
N GLY B 236 0.29 -8.68 3.98
CA GLY B 236 1.18 -9.33 3.03
C GLY B 236 1.45 -8.45 1.85
N SER B 237 1.50 -9.04 0.67
CA SER B 237 1.87 -8.31 -0.54
C SER B 237 1.05 -8.71 -1.75
N GLY B 238 0.07 -9.59 -1.59
CA GLY B 238 -0.71 -10.05 -2.73
C GLY B 238 -2.14 -9.59 -2.64
N GLU B 239 -3.08 -10.53 -2.79
CA GLU B 239 -4.50 -10.22 -2.74
C GLU B 239 -4.93 -9.61 -1.41
N GLY B 240 -4.15 -9.82 -0.34
CA GLY B 240 -4.45 -9.21 0.94
C GLY B 240 -4.55 -7.70 0.91
N LEU B 241 -3.81 -7.03 0.02
CA LEU B 241 -3.91 -5.57 -0.06
C LEU B 241 -5.31 -5.14 -0.45
N ASP B 242 -6.05 -6.00 -1.13
CA ASP B 242 -7.44 -5.74 -1.47
C ASP B 242 -8.38 -6.32 -0.42
N LEU B 243 -8.17 -7.59 -0.07
CA LEU B 243 -9.08 -8.28 0.85
C LEU B 243 -8.94 -7.76 2.27
N GLY B 244 -7.75 -7.28 2.66
CA GLY B 244 -7.62 -6.65 3.97
C GLY B 244 -8.40 -5.35 4.06
N ARG B 245 -8.53 -4.62 2.95
CA ARG B 245 -9.39 -3.45 2.95
C ARG B 245 -10.86 -3.83 3.06
N VAL B 246 -11.28 -4.91 2.40
CA VAL B 246 -12.66 -5.41 2.59
C VAL B 246 -12.89 -5.78 4.06
N CYS B 247 -11.93 -6.49 4.67
CA CYS B 247 -11.99 -6.79 6.10
C CYS B 247 -12.20 -5.54 6.94
N LEU B 248 -11.35 -4.54 6.73
CA LEU B 248 -11.43 -3.35 7.57
C LEU B 248 -12.83 -2.73 7.48
N ARG B 249 -13.35 -2.59 6.25
CA ARG B 249 -14.66 -1.99 6.10
C ARG B 249 -15.74 -2.89 6.71
N LYS B 250 -15.57 -4.20 6.58
CA LYS B 250 -16.55 -5.10 7.13
C LYS B 250 -16.63 -4.99 8.66
N TRP B 251 -15.50 -4.70 9.31
CA TRP B 251 -15.47 -4.57 10.76
C TRP B 251 -15.75 -3.16 11.22
N GLY B 252 -16.02 -2.25 10.30
CA GLY B 252 -16.41 -0.91 10.67
C GLY B 252 -15.30 0.10 10.75
N TYR B 253 -14.12 -0.20 10.19
CA TYR B 253 -13.03 0.76 10.16
C TYR B 253 -12.90 1.45 8.81
N ARG B 254 -12.28 2.61 8.82
CA ARG B 254 -11.78 3.24 7.61
C ARG B 254 -10.25 3.27 7.68
N ARG B 255 -9.59 3.03 6.55
CA ARG B 255 -8.14 3.02 6.55
C ARG B 255 -7.61 4.44 6.65
N CYS B 256 -6.72 4.68 7.61
CA CYS B 256 -6.06 5.98 7.65
C CYS B 256 -4.58 5.96 7.27
N GLU B 257 -3.91 4.82 7.36
CA GLU B 257 -2.51 4.74 6.96
C GLU B 257 -2.24 3.40 6.30
N ASP B 258 -1.23 3.40 5.45
CA ASP B 258 -0.74 2.18 4.80
C ASP B 258 0.75 2.14 5.15
N ILE B 259 1.12 1.28 6.07
CA ILE B 259 2.50 1.19 6.55
C ILE B 259 3.20 0.09 5.77
N CYS B 260 4.32 0.41 5.14
N CYS B 260 4.32 0.42 5.12
CA CYS B 260 5.01 -0.54 4.28
CA CYS B 260 5.03 -0.53 4.28
C CYS B 260 6.31 -1.00 4.92
C CYS B 260 6.31 -0.99 4.95
N TRP B 261 6.43 -2.31 5.12
CA TRP B 261 7.66 -2.94 5.57
C TRP B 261 8.49 -3.26 4.32
N ILE B 262 9.57 -2.51 4.13
CA ILE B 262 10.42 -2.64 2.95
C ILE B 262 11.63 -3.47 3.33
N LYS B 263 11.87 -4.55 2.58
CA LYS B 263 12.88 -5.55 2.94
C LYS B 263 14.12 -5.40 2.06
N THR B 264 15.26 -5.06 2.67
CA THR B 264 16.53 -4.98 1.95
C THR B 264 17.15 -6.39 1.78
N ASN B 265 17.99 -6.54 0.74
CA ASN B 265 18.73 -7.78 0.55
C ASN B 265 20.24 -7.49 0.48
N LYS B 266 20.73 -6.65 1.40
CA LYS B 266 22.16 -6.32 1.45
C LYS B 266 23.02 -7.56 1.64
N ASN B 267 22.48 -8.59 2.30
CA ASN B 267 23.26 -9.76 2.66
C ASN B 267 23.15 -10.88 1.65
N ASN B 268 22.19 -10.81 0.76
CA ASN B 268 22.19 -11.81 -0.31
C ASN B 268 21.76 -11.22 -1.65
N PRO B 269 22.56 -10.26 -2.21
CA PRO B 269 22.30 -9.72 -3.56
C PRO B 269 21.81 -10.71 -4.60
N GLY B 270 20.96 -10.25 -5.50
CA GLY B 270 20.28 -11.17 -6.42
C GLY B 270 18.98 -11.67 -5.82
N LYS B 271 18.98 -12.94 -5.40
CA LYS B 271 17.82 -13.56 -4.74
C LYS B 271 18.36 -14.50 -3.68
N LEU B 275 7.48 -16.35 -6.39
CA LEU B 275 7.03 -15.50 -7.50
C LEU B 275 5.60 -15.86 -7.91
N ASP B 276 4.61 -15.29 -7.18
CA ASP B 276 3.18 -15.38 -7.44
C ASP B 276 2.93 -15.37 -8.95
N PRO B 277 2.09 -16.27 -9.46
CA PRO B 277 1.89 -16.34 -10.92
C PRO B 277 1.36 -15.05 -11.53
N LYS B 278 0.59 -14.25 -10.77
CA LYS B 278 0.10 -12.99 -11.29
C LYS B 278 1.07 -11.85 -11.11
N ALA B 279 2.15 -12.03 -10.34
CA ALA B 279 3.06 -10.94 -10.04
C ALA B 279 3.68 -10.41 -11.32
N VAL B 280 3.86 -9.09 -11.38
CA VAL B 280 4.45 -8.42 -12.50
C VAL B 280 5.88 -8.05 -12.12
N PHE B 281 6.09 -7.85 -10.82
CA PHE B 281 7.36 -7.40 -10.28
C PHE B 281 7.77 -8.31 -9.13
N GLN B 282 9.06 -8.32 -8.83
CA GLN B 282 9.52 -9.01 -7.63
C GLN B 282 8.97 -8.29 -6.42
N ARG B 283 8.40 -9.05 -5.50
CA ARG B 283 7.73 -8.47 -4.34
C ARG B 283 8.70 -8.41 -3.17
N THR B 284 8.98 -7.19 -2.70
CA THR B 284 10.04 -7.00 -1.72
C THR B 284 9.54 -6.22 -0.50
N LYS B 285 8.23 -6.22 -0.26
CA LYS B 285 7.67 -5.47 0.84
C LYS B 285 6.40 -6.16 1.31
N GLU B 286 5.96 -5.77 2.50
CA GLU B 286 4.68 -6.19 3.08
C GLU B 286 3.96 -4.95 3.58
N HIS B 287 2.63 -4.98 3.59
CA HIS B 287 1.82 -3.86 4.04
C HIS B 287 1.09 -4.18 5.34
N CYS B 288 1.09 -3.22 6.25
CA CYS B 288 0.28 -3.30 7.46
C CYS B 288 -0.67 -2.11 7.40
N LEU B 289 -1.97 -2.39 7.24
CA LEU B 289 -2.97 -1.34 7.10
C LEU B 289 -3.48 -0.88 8.46
N MET B 290 -3.56 0.44 8.64
CA MET B 290 -4.05 1.03 9.89
C MET B 290 -5.48 1.54 9.68
N GLY B 291 -6.39 1.06 10.52
CA GLY B 291 -7.79 1.43 10.43
C GLY B 291 -8.24 2.09 11.71
N ILE B 292 -9.22 3.00 11.58
CA ILE B 292 -9.80 3.70 12.72
C ILE B 292 -11.31 3.54 12.68
N LYS B 293 -11.92 3.44 13.84
CA LYS B 293 -13.36 3.53 13.94
C LYS B 293 -13.73 4.48 15.07
N GLY B 294 -14.88 5.12 14.91
CA GLY B 294 -15.31 6.12 15.85
C GLY B 294 -14.69 7.47 15.55
N THR B 295 -14.81 8.35 16.52
CA THR B 295 -14.14 9.64 16.45
C THR B 295 -12.62 9.44 16.51
N VAL B 309 5.35 11.68 14.96
CA VAL B 309 6.81 11.57 14.94
C VAL B 309 7.29 10.53 13.93
N ASP B 310 6.50 9.48 13.72
CA ASP B 310 6.90 8.34 12.91
C ASP B 310 6.48 8.51 11.44
N ILE B 311 7.03 7.63 10.60
CA ILE B 311 6.82 7.61 9.15
C ILE B 311 6.18 6.27 8.79
N ASP B 312 5.54 6.21 7.62
CA ASP B 312 4.80 5.01 7.25
C ASP B 312 5.69 3.98 6.55
N LEU B 313 6.97 3.90 6.96
CA LEU B 313 7.91 2.94 6.37
C LEU B 313 8.71 2.29 7.48
N ILE B 314 8.91 0.98 7.34
CA ILE B 314 9.84 0.22 8.17
C ILE B 314 10.80 -0.48 7.22
N ILE B 315 12.10 -0.26 7.43
CA ILE B 315 13.13 -0.82 6.56
C ILE B 315 14.04 -1.70 7.39
N THR B 316 14.06 -3.00 7.06
CA THR B 316 14.94 -3.96 7.67
C THR B 316 15.39 -4.95 6.62
N GLU B 317 16.43 -5.71 6.94
CA GLU B 317 16.86 -6.77 6.03
C GLU B 317 15.83 -7.88 5.98
N GLU B 318 15.65 -8.45 4.79
CA GLU B 318 14.73 -9.56 4.62
C GLU B 318 15.13 -10.71 5.54
N PRO B 319 14.21 -11.27 6.31
CA PRO B 319 14.59 -12.31 7.27
C PRO B 319 14.91 -13.62 6.56
N GLU B 320 15.53 -14.53 7.31
CA GLU B 320 15.89 -15.84 6.77
C GLU B 320 14.64 -16.61 6.38
N ILE B 321 14.82 -17.57 5.47
CA ILE B 321 13.72 -18.40 5.02
C ILE B 321 13.00 -19.01 6.22
N GLY B 322 11.67 -19.09 6.13
CA GLY B 322 10.86 -19.67 7.18
C GLY B 322 10.70 -18.83 8.43
N ASN B 323 11.38 -17.68 8.53
CA ASN B 323 11.21 -16.78 9.66
C ASN B 323 10.06 -15.82 9.33
N ILE B 324 8.95 -15.94 10.07
CA ILE B 324 7.73 -15.21 9.74
C ILE B 324 7.50 -14.00 10.62
N GLU B 325 8.43 -13.70 11.52
CA GLU B 325 8.25 -12.56 12.42
C GLU B 325 8.15 -11.26 11.62
N LYS B 326 7.26 -10.36 12.09
CA LYS B 326 7.21 -9.00 11.57
C LYS B 326 8.13 -8.13 12.40
N PRO B 327 8.62 -7.03 11.83
CA PRO B 327 9.54 -6.16 12.58
C PRO B 327 8.89 -5.63 13.85
N VAL B 328 9.65 -5.72 14.95
CA VAL B 328 9.17 -5.21 16.22
C VAL B 328 8.92 -3.71 16.15
N GLU B 329 9.47 -3.04 15.15
CA GLU B 329 9.21 -1.60 15.00
C GLU B 329 7.73 -1.29 14.83
N ILE B 330 6.91 -2.24 14.37
CA ILE B 330 5.49 -1.95 14.27
C ILE B 330 4.91 -1.65 15.66
N PHE B 331 5.43 -2.30 16.71
CA PHE B 331 4.96 -2.02 18.06
C PHE B 331 5.34 -0.60 18.47
N HIS B 332 6.54 -0.15 18.10
CA HIS B 332 6.95 1.21 18.45
C HIS B 332 6.03 2.23 17.80
N ILE B 333 5.75 2.08 16.51
CA ILE B 333 4.81 2.98 15.84
C ILE B 333 3.46 2.98 16.55
N ILE B 334 2.90 1.79 16.81
CA ILE B 334 1.59 1.74 17.44
C ILE B 334 1.60 2.42 18.80
N GLU B 335 2.57 2.07 19.65
CA GLU B 335 2.59 2.63 21.00
C GLU B 335 2.87 4.14 20.99
N HIS B 336 3.59 4.66 20.00
CA HIS B 336 3.82 6.10 19.93
C HIS B 336 2.55 6.91 19.63
N PHE B 337 1.48 6.27 19.14
CA PHE B 337 0.25 7.01 18.85
C PHE B 337 -0.53 7.37 20.11
N CYS B 338 -0.25 6.72 21.24
CA CYS B 338 -0.96 6.99 22.50
C CYS B 338 -2.47 6.81 22.35
N LEU B 339 -2.85 5.62 21.89
CA LEU B 339 -4.25 5.33 21.56
C LEU B 339 -5.05 4.73 22.70
N GLY B 340 -4.46 4.54 23.87
CA GLY B 340 -5.10 3.78 24.93
C GLY B 340 -4.30 2.55 25.29
N ARG B 341 -4.71 1.93 26.40
CA ARG B 341 -3.89 0.92 27.01
C ARG B 341 -4.41 -0.50 26.82
N ARG B 342 -5.61 -0.69 26.27
CA ARG B 342 -6.10 -2.04 26.02
C ARG B 342 -5.65 -2.41 24.61
N ARG B 343 -4.60 -3.22 24.54
CA ARG B 343 -3.94 -3.55 23.27
C ARG B 343 -3.94 -5.05 23.12
N LEU B 344 -4.46 -5.53 21.99
CA LEU B 344 -4.61 -6.94 21.72
C LEU B 344 -3.78 -7.30 20.49
N HIS B 345 -3.04 -8.39 20.56
CA HIS B 345 -2.26 -8.90 19.42
C HIS B 345 -2.79 -10.29 19.13
N LEU B 346 -3.58 -10.41 18.06
CA LEU B 346 -4.12 -11.70 17.67
C LEU B 346 -3.14 -12.40 16.74
N PHE B 347 -2.95 -13.71 16.96
CA PHE B 347 -1.94 -14.51 16.29
C PHE B 347 -0.51 -14.12 16.67
N GLY B 348 -0.32 -13.54 17.85
CA GLY B 348 1.01 -13.39 18.42
C GLY B 348 1.57 -14.75 18.86
N ARG B 349 2.84 -14.73 19.28
CA ARG B 349 3.57 -15.95 19.62
C ARG B 349 4.33 -15.73 20.93
N ASP B 350 4.92 -16.78 21.49
CA ASP B 350 5.78 -16.59 22.66
C ASP B 350 6.79 -15.48 22.44
N SER B 351 7.37 -15.44 21.23
CA SER B 351 8.40 -14.48 20.85
C SER B 351 7.89 -13.05 20.71
N THR B 352 6.59 -12.81 20.66
CA THR B 352 6.11 -11.44 20.49
C THR B 352 5.52 -10.86 21.76
N ILE B 353 5.39 -11.65 22.82
CA ILE B 353 4.82 -11.14 24.06
C ILE B 353 5.60 -9.92 24.55
N ARG B 354 4.86 -8.94 25.06
CA ARG B 354 5.39 -7.62 25.24
C ARG B 354 4.60 -6.92 26.34
N PRO B 355 5.27 -6.18 27.24
CA PRO B 355 4.54 -5.42 28.25
C PRO B 355 3.56 -4.46 27.57
N GLY B 356 2.41 -4.28 28.19
CA GLY B 356 1.43 -3.40 27.58
C GLY B 356 0.51 -4.05 26.57
N TRP B 357 0.65 -5.35 26.34
CA TRP B 357 -0.11 -6.04 25.30
C TRP B 357 -0.72 -7.31 25.86
N LEU B 358 -1.94 -7.62 25.41
CA LEU B 358 -2.51 -8.95 25.54
C LEU B 358 -2.29 -9.70 24.22
N THR B 359 -1.60 -10.84 24.31
CA THR B 359 -1.24 -11.63 23.15
C THR B 359 -2.08 -12.89 23.13
N VAL B 360 -2.75 -13.17 22.01
CA VAL B 360 -3.60 -14.35 21.91
C VAL B 360 -3.25 -15.10 20.64
N GLY B 361 -2.99 -16.40 20.76
CA GLY B 361 -2.61 -17.12 19.58
C GLY B 361 -2.50 -18.60 19.82
N PRO B 362 -2.55 -19.36 18.72
CA PRO B 362 -2.58 -20.82 18.87
C PRO B 362 -1.27 -21.43 19.35
N THR B 363 -0.12 -20.84 19.05
CA THR B 363 1.15 -21.49 19.37
C THR B 363 1.73 -21.11 20.74
N LEU B 364 1.07 -20.23 21.49
CA LEU B 364 1.60 -19.89 22.80
C LEU B 364 1.71 -21.15 23.64
N THR B 365 2.83 -21.27 24.36
CA THR B 365 3.07 -22.43 25.20
C THR B 365 2.47 -22.29 26.60
N ASN B 366 2.22 -21.07 27.03
CA ASN B 366 1.70 -20.77 28.35
C ASN B 366 0.65 -19.67 28.25
N SER B 367 -0.21 -19.61 29.26
CA SER B 367 -1.21 -18.56 29.42
C SER B 367 -1.15 -18.00 30.82
N ASN B 368 -1.45 -16.70 30.97
CA ASN B 368 -1.70 -16.10 32.26
C ASN B 368 -2.95 -15.21 32.22
N TYR B 369 -3.72 -15.26 31.15
CA TYR B 369 -4.84 -14.34 30.98
C TYR B 369 -5.94 -14.68 31.98
N ASN B 370 -6.41 -13.66 32.70
CA ASN B 370 -7.64 -13.72 33.48
C ASN B 370 -8.44 -12.47 33.17
N ALA B 371 -9.66 -12.65 32.64
CA ALA B 371 -10.47 -11.52 32.21
C ALA B 371 -10.70 -10.52 33.33
N GLU B 372 -10.93 -11.00 34.55
CA GLU B 372 -11.20 -10.10 35.65
C GLU B 372 -9.92 -9.36 36.07
N THR B 373 -8.82 -10.08 36.18
CA THR B 373 -7.53 -9.44 36.44
C THR B 373 -7.20 -8.42 35.36
N TYR B 374 -7.40 -8.79 34.09
CA TYR B 374 -7.07 -7.89 33.00
C TYR B 374 -7.88 -6.60 33.08
N ALA B 375 -9.20 -6.74 33.31
CA ALA B 375 -10.07 -5.56 33.40
C ALA B 375 -9.64 -4.66 34.56
N SER B 376 -9.19 -5.25 35.67
CA SER B 376 -8.79 -4.45 36.81
C SER B 376 -7.66 -3.48 36.50
N TYR B 377 -6.87 -3.73 35.43
CA TYR B 377 -5.86 -2.74 35.06
C TYR B 377 -6.46 -1.45 34.51
N PHE B 378 -7.72 -1.47 34.07
CA PHE B 378 -8.33 -0.32 33.42
C PHE B 378 -9.55 0.21 34.17
N SER B 379 -9.82 -0.29 35.36
CA SER B 379 -10.92 0.28 36.15
C SER B 379 -10.48 1.62 36.72
N ALA B 380 -11.48 2.40 37.13
CA ALA B 380 -11.25 3.75 37.63
C ALA B 380 -10.18 3.73 38.72
N PRO B 381 -9.31 4.74 38.78
CA PRO B 381 -9.33 5.95 37.93
C PRO B 381 -8.57 5.85 36.60
N ASN B 382 -8.32 4.63 36.11
CA ASN B 382 -7.42 4.45 34.98
C ASN B 382 -8.14 4.01 33.69
N SER B 383 -9.38 4.45 33.50
CA SER B 383 -10.19 3.94 32.39
C SER B 383 -9.86 4.60 31.05
N TYR B 384 -9.30 5.81 31.06
CA TYR B 384 -9.18 6.60 29.84
C TYR B 384 -7.75 7.05 29.56
N LEU B 385 -6.77 6.46 30.24
CA LEU B 385 -5.39 6.84 29.98
C LEU B 385 -5.01 6.54 28.53
N THR B 386 -4.12 7.36 27.98
CA THR B 386 -3.63 7.15 26.61
C THR B 386 -2.50 6.14 26.56
N GLY B 387 -1.89 5.81 27.69
CA GLY B 387 -0.66 5.06 27.70
C GLY B 387 0.58 5.91 27.53
N CYS B 388 0.44 7.23 27.49
CA CYS B 388 1.59 8.12 27.33
C CYS B 388 1.69 9.18 28.41
N THR B 389 0.98 9.03 29.51
CA THR B 389 0.99 10.00 30.61
C THR B 389 1.45 9.31 31.90
N GLU B 390 1.53 10.10 32.97
CA GLU B 390 2.01 9.57 34.26
C GLU B 390 0.97 8.64 34.88
N GLU B 391 1.44 7.71 35.70
CA GLU B 391 0.53 6.87 36.46
C GLU B 391 -0.29 7.72 37.43
N ILE B 392 -1.52 7.30 37.67
CA ILE B 392 -2.43 8.02 38.56
C ILE B 392 -2.08 7.66 40.01
N GLU B 393 -1.74 8.67 40.80
CA GLU B 393 -1.27 8.44 42.17
C GLU B 393 -2.36 7.81 43.03
N ARG B 394 -1.96 6.88 43.89
CA ARG B 394 -2.88 6.18 44.79
C ARG B 394 -2.46 6.42 46.24
N LEU B 395 -3.43 6.32 47.13
CA LEU B 395 -3.20 6.33 48.58
C LEU B 395 -2.49 7.59 49.11
O5' ADN C . -0.91 16.27 -12.68
C5' ADN C . -2.25 16.30 -13.16
C4' ADN C . -2.32 16.88 -14.56
O4' ADN C . -3.61 16.55 -15.16
C3' ADN C . -2.20 18.40 -14.63
O3' ADN C . -1.49 18.76 -15.82
C2' ADN C . -3.65 18.84 -14.79
O2' ADN C . -3.84 20.11 -15.36
C1' ADN C . -4.16 17.73 -15.70
N9 ADN C . -5.61 17.63 -15.77
C8 ADN C . -6.53 17.91 -14.84
N7 ADN C . -7.74 17.68 -15.35
C5 ADN C . -7.58 17.29 -16.61
C6 ADN C . -8.51 16.93 -17.58
N6 ADN C . -9.98 16.88 -17.56
N1 ADN C . -8.10 16.56 -18.78
C2 ADN C . -6.75 16.52 -19.07
N3 ADN C . -5.84 16.87 -18.12
C4 ADN C . -6.26 17.25 -16.88
C ACT D . -11.36 1.71 3.60
O ACT D . -11.14 2.73 4.30
OXT ACT D . -12.10 1.62 2.61
CH3 ACT D . -10.61 0.36 3.98
#